data_9LKS
#
_entry.id   9LKS
#
_cell.length_a   68.182
_cell.length_b   68.182
_cell.length_c   127.412
_cell.angle_alpha   90.00
_cell.angle_beta   90.00
_cell.angle_gamma   120.00
#
_symmetry.space_group_name_H-M   'P 61 2 2'
#
loop_
_entity.id
_entity.type
_entity.pdbx_description
1 polymer 'Isopeptide-forming domain-containing fimbrial protein'
2 non-polymer 'SODIUM ION'
3 non-polymer 1,2-ETHANEDIOL
4 water water
#
_entity_poly.entity_id   1
_entity_poly.type   'polypeptide(L)'
_entity_poly.pdbx_seq_one_letter_code
;MGSSHHHHHHSSGLVPRGSHMEENGESAQLVIHKKKMTDLPDPLIQNSGKEMSEFDKYQGLADVTFSIYNVTSEFYEQRA
AGASVDAAKQAVQSLTPGKPVAQGTTDANGNVTVQLPKKQNGKDAVYTIKEEPKEGVVAATNMVVAFPVYEMIKQADGSY
KYGTEELAVVHIYPKNVVALEHHHHHH
;
_entity_poly.pdbx_strand_id   A
#
loop_
_chem_comp.id
_chem_comp.type
_chem_comp.name
_chem_comp.formula
EDO non-polymer 1,2-ETHANEDIOL 'C2 H6 O2'
NA non-polymer 'SODIUM ION' 'Na 1'
#
# COMPACT_ATOMS: atom_id res chain seq x y z
N GLU A 26 11.56 -11.60 -8.16
CA GLU A 26 10.21 -11.41 -8.74
C GLU A 26 9.22 -10.97 -7.66
N SER A 27 9.64 -10.90 -6.40
CA SER A 27 8.79 -10.35 -5.37
C SER A 27 9.44 -9.10 -4.79
N ALA A 28 8.63 -8.17 -4.30
CA ALA A 28 9.13 -7.04 -3.54
C ALA A 28 8.64 -7.14 -2.10
N GLN A 29 9.37 -6.47 -1.20
CA GLN A 29 8.92 -6.30 0.17
C GLN A 29 8.21 -4.97 0.33
N LEU A 30 7.00 -5.04 0.90
CA LEU A 30 6.23 -3.86 1.26
C LEU A 30 6.25 -3.79 2.78
N VAL A 31 6.84 -2.70 3.29
CA VAL A 31 6.94 -2.41 4.68
C VAL A 31 5.89 -1.37 4.99
N ILE A 32 4.93 -1.79 5.82
CA ILE A 32 3.81 -0.94 6.21
C ILE A 32 4.10 -0.45 7.61
N HIS A 33 4.10 0.88 7.77
CA HIS A 33 4.31 1.53 9.04
C HIS A 33 3.00 2.20 9.44
N LYS A 34 2.36 1.68 10.50
CA LYS A 34 1.15 2.30 11.00
C LYS A 34 1.51 3.25 12.13
N LYS A 35 1.27 4.55 11.87
CA LYS A 35 1.54 5.61 12.83
C LYS A 35 0.24 6.27 13.28
N LYS A 36 0.24 6.69 14.55
CA LYS A 36 -0.80 7.56 15.06
C LYS A 36 -0.42 9.00 14.70
N MET A 37 -0.96 9.46 13.57
CA MET A 37 -0.54 10.76 13.07
C MET A 37 -1.37 11.85 13.72
N THR A 38 -0.66 12.84 14.26
CA THR A 38 -1.27 13.96 14.96
C THR A 38 -0.95 15.21 14.18
N SER A 48 7.35 8.88 -0.66
CA SER A 48 8.64 8.70 -1.39
C SER A 48 8.86 7.24 -1.80
N GLY A 49 8.44 6.28 -0.94
CA GLY A 49 8.66 4.87 -1.18
C GLY A 49 9.82 4.34 -0.33
N LYS A 50 10.68 5.24 0.13
CA LYS A 50 11.76 4.87 1.02
C LYS A 50 11.31 5.16 2.45
N GLU A 51 12.05 4.63 3.41
CA GLU A 51 11.76 4.93 4.79
C GLU A 51 11.93 6.44 5.03
N MET A 52 11.03 7.03 5.82
CA MET A 52 11.02 8.47 6.01
C MET A 52 11.11 8.76 7.50
N SER A 53 12.27 9.26 7.91
CA SER A 53 12.59 9.41 9.32
C SER A 53 11.66 10.44 9.97
N GLU A 54 11.08 11.34 9.16
CA GLU A 54 10.17 12.36 9.63
C GLU A 54 9.05 11.71 10.43
N PHE A 55 8.58 10.54 9.96
CA PHE A 55 7.41 9.89 10.54
C PHE A 55 7.76 9.23 11.87
N ASP A 56 9.05 9.15 12.24
CA ASP A 56 9.39 8.56 13.54
C ASP A 56 8.90 9.38 14.72
N LYS A 57 8.48 10.65 14.51
CA LYS A 57 7.92 11.46 15.58
C LYS A 57 6.60 10.87 16.10
N TYR A 58 5.92 10.08 15.27
CA TYR A 58 4.60 9.56 15.61
C TYR A 58 4.73 8.17 16.24
N GLN A 59 3.86 7.86 17.21
CA GLN A 59 3.82 6.55 17.86
C GLN A 59 3.40 5.52 16.81
N GLY A 60 4.09 4.37 16.78
CA GLY A 60 3.66 3.21 16.00
C GLY A 60 2.51 2.49 16.70
N LEU A 61 1.55 1.96 15.94
CA LEU A 61 0.42 1.25 16.52
C LEU A 61 0.55 -0.26 16.23
N ALA A 62 0.62 -1.03 17.31
CA ALA A 62 0.73 -2.47 17.26
C ALA A 62 -0.64 -3.11 17.04
N ASP A 63 -0.61 -4.32 16.47
CA ASP A 63 -1.74 -5.21 16.37
C ASP A 63 -2.79 -4.69 15.38
N VAL A 64 -2.35 -3.91 14.39
CA VAL A 64 -3.21 -3.45 13.31
C VAL A 64 -2.98 -4.34 12.10
N THR A 65 -4.08 -4.87 11.55
CA THR A 65 -3.99 -5.75 10.39
C THR A 65 -4.27 -4.97 9.11
N PHE A 66 -3.42 -5.22 8.11
CA PHE A 66 -3.61 -4.72 6.75
C PHE A 66 -3.85 -5.91 5.84
N SER A 67 -4.78 -5.75 4.90
CA SER A 67 -5.08 -6.74 3.89
C SER A 67 -4.73 -6.14 2.53
N ILE A 68 -3.99 -6.91 1.72
CA ILE A 68 -3.52 -6.44 0.44
C ILE A 68 -4.22 -7.22 -0.66
N TYR A 69 -4.90 -6.49 -1.56
CA TYR A 69 -5.68 -7.06 -2.65
C TYR A 69 -5.02 -6.77 -3.99
N ASN A 70 -5.02 -7.80 -4.83
CA ASN A 70 -4.62 -7.70 -6.21
C ASN A 70 -5.70 -6.97 -7.01
N VAL A 71 -5.33 -5.81 -7.56
CA VAL A 71 -6.18 -5.04 -8.45
C VAL A 71 -5.51 -4.84 -9.80
N THR A 72 -4.63 -5.76 -10.20
CA THR A 72 -3.87 -5.60 -11.43
C THR A 72 -4.81 -5.60 -12.62
N SER A 73 -5.71 -6.59 -12.69
CA SER A 73 -6.62 -6.68 -13.82
C SER A 73 -7.45 -5.41 -13.94
N GLU A 74 -7.95 -4.98 -12.77
CA GLU A 74 -8.81 -3.82 -12.72
C GLU A 74 -8.07 -2.56 -13.21
N PHE A 75 -6.80 -2.40 -12.82
CA PHE A 75 -6.00 -1.27 -13.27
C PHE A 75 -5.90 -1.27 -14.80
N TYR A 76 -5.59 -2.43 -15.40
CA TYR A 76 -5.39 -2.47 -16.85
C TYR A 76 -6.71 -2.23 -17.58
N GLU A 77 -7.83 -2.66 -16.98
CA GLU A 77 -9.14 -2.37 -17.55
C GLU A 77 -9.36 -0.85 -17.60
N GLN A 78 -9.09 -0.18 -16.47
CA GLN A 78 -9.18 1.28 -16.42
C GLN A 78 -8.30 1.91 -17.51
N ARG A 79 -7.07 1.45 -17.63
CA ARG A 79 -6.14 1.96 -18.62
C ARG A 79 -6.66 1.75 -20.05
N ALA A 80 -7.15 0.55 -20.36
CA ALA A 80 -7.68 0.21 -21.68
C ALA A 80 -8.90 1.07 -22.00
N ALA A 81 -9.66 1.48 -20.98
CA ALA A 81 -10.78 2.39 -21.16
C ALA A 81 -10.32 3.85 -21.24
N GLY A 82 -9.02 4.12 -21.17
CA GLY A 82 -8.55 5.46 -21.46
C GLY A 82 -8.14 6.25 -20.22
N ALA A 83 -8.22 5.65 -19.04
CA ALA A 83 -7.82 6.34 -17.83
C ALA A 83 -6.30 6.59 -17.82
N SER A 84 -5.91 7.74 -17.28
CA SER A 84 -4.52 7.99 -16.93
C SER A 84 -4.07 7.01 -15.84
N VAL A 85 -2.73 6.90 -15.68
CA VAL A 85 -2.19 6.09 -14.60
C VAL A 85 -2.73 6.54 -13.26
N ASP A 86 -2.68 7.84 -12.98
CA ASP A 86 -3.17 8.37 -11.72
C ASP A 86 -4.66 8.09 -11.52
N ALA A 87 -5.50 8.32 -12.55
CA ALA A 87 -6.95 8.11 -12.46
C ALA A 87 -7.27 6.62 -12.24
N ALA A 88 -6.50 5.75 -12.91
CA ALA A 88 -6.69 4.32 -12.80
C ALA A 88 -6.39 3.87 -11.36
N LYS A 89 -5.31 4.39 -10.78
CA LYS A 89 -4.98 4.10 -9.40
C LYS A 89 -6.08 4.61 -8.46
N GLN A 90 -6.52 5.84 -8.67
CA GLN A 90 -7.59 6.41 -7.85
C GLN A 90 -8.85 5.54 -7.94
N ALA A 91 -9.16 5.01 -9.13
CA ALA A 91 -10.34 4.19 -9.32
C ALA A 91 -10.21 2.88 -8.55
N VAL A 92 -9.05 2.20 -8.64
CA VAL A 92 -8.95 0.87 -8.08
C VAL A 92 -8.69 0.94 -6.58
N GLN A 93 -8.34 2.13 -6.08
CA GLN A 93 -8.17 2.36 -4.64
C GLN A 93 -9.36 1.89 -3.80
N SER A 94 -10.57 1.97 -4.35
CA SER A 94 -11.75 1.60 -3.59
C SER A 94 -12.10 0.12 -3.79
N LEU A 95 -11.30 -0.63 -4.54
CA LEU A 95 -11.63 -2.03 -4.85
C LEU A 95 -10.79 -2.96 -3.98
N THR A 96 -11.44 -4.02 -3.49
CA THR A 96 -10.77 -5.09 -2.75
C THR A 96 -11.26 -6.42 -3.28
N PRO A 97 -10.88 -6.80 -4.53
CA PRO A 97 -11.41 -8.01 -5.17
C PRO A 97 -10.86 -9.31 -4.59
N GLY A 98 -11.77 -10.26 -4.34
CA GLY A 98 -11.40 -11.62 -4.00
C GLY A 98 -10.78 -11.70 -2.61
N LYS A 99 -9.93 -12.72 -2.42
CA LYS A 99 -9.21 -12.94 -1.18
C LYS A 99 -7.93 -12.12 -1.20
N PRO A 100 -7.52 -11.50 -0.05
CA PRO A 100 -6.28 -10.75 -0.01
C PRO A 100 -5.18 -11.70 -0.49
N VAL A 101 -4.21 -11.17 -1.24
CA VAL A 101 -3.04 -11.93 -1.62
C VAL A 101 -2.08 -12.00 -0.44
N ALA A 102 -2.14 -11.01 0.45
CA ALA A 102 -1.31 -11.02 1.63
C ALA A 102 -2.03 -10.28 2.76
N GLN A 103 -1.65 -10.61 3.98
CA GLN A 103 -2.15 -9.92 5.14
C GLN A 103 -1.01 -9.86 6.15
N GLY A 104 -0.96 -8.76 6.90
CA GLY A 104 0.06 -8.63 7.93
C GLY A 104 -0.45 -7.81 9.09
N THR A 105 0.04 -8.13 10.29
CA THR A 105 -0.38 -7.46 11.51
C THR A 105 0.84 -6.74 12.07
N THR A 106 0.67 -5.46 12.42
CA THR A 106 1.83 -4.70 12.87
C THR A 106 2.38 -5.28 14.16
N ASP A 107 3.71 -5.20 14.28
CA ASP A 107 4.43 -5.59 15.47
C ASP A 107 4.38 -4.49 16.54
N ALA A 108 5.18 -4.69 17.60
CA ALA A 108 5.15 -3.80 18.76
C ALA A 108 5.49 -2.35 18.36
N ASN A 109 6.29 -2.18 17.29
CA ASN A 109 6.74 -0.87 16.83
C ASN A 109 5.82 -0.28 15.76
N GLY A 110 4.80 -1.05 15.33
CA GLY A 110 3.82 -0.53 14.39
C GLY A 110 4.10 -0.90 12.93
N ASN A 111 4.95 -1.93 12.73
CA ASN A 111 5.44 -2.26 11.41
C ASN A 111 5.13 -3.71 11.05
N VAL A 112 4.95 -3.93 9.74
CA VAL A 112 4.89 -5.28 9.23
C VAL A 112 5.38 -5.25 7.80
N THR A 113 6.11 -6.31 7.42
CA THR A 113 6.53 -6.50 6.05
C THR A 113 5.72 -7.64 5.43
N VAL A 114 5.28 -7.42 4.18
CA VAL A 114 4.70 -8.49 3.40
C VAL A 114 5.44 -8.54 2.06
N GLN A 115 5.50 -9.73 1.47
CA GLN A 115 6.05 -9.86 0.14
C GLN A 115 4.93 -9.95 -0.88
N LEU A 116 5.15 -9.24 -2.00
CA LEU A 116 4.17 -9.17 -3.08
C LEU A 116 4.86 -9.45 -4.40
N PRO A 117 4.25 -10.27 -5.29
CA PRO A 117 4.76 -10.38 -6.66
C PRO A 117 4.78 -9.04 -7.37
N LYS A 118 5.90 -8.79 -8.05
CA LYS A 118 6.03 -7.59 -8.86
C LYS A 118 5.18 -7.65 -10.11
N LYS A 119 4.81 -8.86 -10.53
CA LYS A 119 4.00 -9.06 -11.72
C LYS A 119 2.82 -9.96 -11.33
N GLN A 120 1.69 -9.70 -11.97
CA GLN A 120 0.52 -10.55 -11.89
C GLN A 120 0.05 -10.82 -13.32
N ASN A 121 -0.08 -12.12 -13.65
CA ASN A 121 -0.45 -12.59 -14.98
C ASN A 121 0.41 -11.94 -16.06
N GLY A 122 1.69 -11.76 -15.77
CA GLY A 122 2.65 -11.29 -16.75
C GLY A 122 2.66 -9.77 -16.83
N LYS A 123 1.91 -9.08 -15.98
CA LYS A 123 1.85 -7.62 -16.05
C LYS A 123 2.32 -7.02 -14.73
N ASP A 124 2.87 -5.80 -14.85
CA ASP A 124 3.31 -5.04 -13.69
C ASP A 124 2.14 -4.92 -12.73
N ALA A 125 2.34 -5.36 -11.49
CA ALA A 125 1.27 -5.59 -10.55
C ALA A 125 0.83 -4.29 -9.86
N VAL A 126 -0.45 -4.26 -9.51
CA VAL A 126 -1.06 -3.17 -8.75
C VAL A 126 -1.88 -3.76 -7.62
N TYR A 127 -1.70 -3.19 -6.40
CA TYR A 127 -2.34 -3.67 -5.19
C TYR A 127 -3.03 -2.54 -4.47
N THR A 128 -4.14 -2.89 -3.81
CA THR A 128 -4.84 -2.00 -2.91
C THR A 128 -4.58 -2.50 -1.50
N ILE A 129 -4.17 -1.57 -0.63
CA ILE A 129 -3.83 -1.86 0.75
C ILE A 129 -4.92 -1.30 1.65
N LYS A 130 -5.58 -2.18 2.39
CA LYS A 130 -6.71 -1.81 3.23
C LYS A 130 -6.37 -2.06 4.69
N GLU A 131 -6.66 -1.06 5.55
CA GLU A 131 -6.48 -1.24 6.98
C GLU A 131 -7.76 -1.82 7.57
N GLU A 132 -7.61 -2.94 8.29
CA GLU A 132 -8.75 -3.53 8.99
C GLU A 132 -9.14 -2.69 10.22
N PRO A 133 -10.44 -2.46 10.41
CA PRO A 133 -10.96 -1.72 11.55
C PRO A 133 -10.44 -2.27 12.88
N LYS A 134 -10.13 -1.36 13.80
CA LYS A 134 -9.68 -1.74 15.12
C LYS A 134 -10.12 -0.70 16.12
N GLU A 135 -10.60 -1.17 17.27
CA GLU A 135 -11.17 -0.26 18.25
C GLU A 135 -10.08 0.69 18.76
N GLY A 136 -10.41 1.98 18.77
CA GLY A 136 -9.53 3.00 19.31
C GLY A 136 -8.46 3.42 18.32
N VAL A 137 -8.56 2.95 17.06
CA VAL A 137 -7.63 3.31 16.00
C VAL A 137 -8.43 3.99 14.89
N VAL A 138 -7.88 5.13 14.43
CA VAL A 138 -8.37 5.75 13.20
C VAL A 138 -7.70 5.04 12.03
N ALA A 139 -8.52 4.37 11.19
CA ALA A 139 -8.02 3.62 10.05
C ALA A 139 -7.60 4.57 8.94
N ALA A 140 -6.53 4.19 8.23
CA ALA A 140 -6.10 4.88 7.04
C ALA A 140 -7.12 4.69 5.92
N THR A 141 -7.13 5.64 5.00
CA THR A 141 -7.70 5.46 3.68
C THR A 141 -6.94 4.36 2.95
N ASN A 142 -7.63 3.65 2.05
CA ASN A 142 -6.96 2.66 1.21
C ASN A 142 -5.88 3.34 0.40
N MET A 143 -4.78 2.61 0.20
CA MET A 143 -3.66 3.09 -0.58
C MET A 143 -3.42 2.11 -1.73
N VAL A 144 -2.85 2.62 -2.85
CA VAL A 144 -2.48 1.77 -3.96
C VAL A 144 -0.96 1.77 -4.12
N VAL A 145 -0.40 0.60 -4.37
CA VAL A 145 1.02 0.44 -4.73
C VAL A 145 1.07 -0.25 -6.10
N ALA A 146 1.73 0.40 -7.05
CA ALA A 146 1.86 -0.04 -8.43
C ALA A 146 3.35 -0.25 -8.72
N PHE A 147 3.68 -1.46 -9.13
CA PHE A 147 5.05 -1.83 -9.46
C PHE A 147 5.30 -1.59 -10.94
N PRO A 148 6.55 -1.28 -11.35
CA PRO A 148 7.67 -1.06 -10.43
C PRO A 148 7.55 0.29 -9.71
N VAL A 149 8.11 0.34 -8.51
CA VAL A 149 8.18 1.54 -7.71
C VAL A 149 9.59 2.14 -7.80
N TYR A 150 9.64 3.43 -8.10
CA TYR A 150 10.84 4.23 -8.08
C TYR A 150 10.70 5.26 -6.97
N GLU A 151 11.84 5.70 -6.44
CA GLU A 151 11.78 6.73 -5.42
C GLU A 151 11.22 8.02 -6.04
N MET A 152 10.17 8.61 -5.42
CA MET A 152 9.55 9.83 -5.94
C MET A 152 10.24 11.06 -5.34
N TYR A 162 10.62 11.05 -10.05
CA TYR A 162 10.90 9.58 -9.93
C TYR A 162 12.36 9.32 -10.26
N GLY A 163 13.06 8.58 -9.40
CA GLY A 163 14.45 8.16 -9.63
C GLY A 163 14.51 7.03 -10.65
N THR A 164 15.72 6.51 -10.90
CA THR A 164 15.97 5.60 -12.01
C THR A 164 16.12 4.16 -11.50
N GLU A 165 16.33 4.01 -10.19
CA GLU A 165 16.55 2.70 -9.58
C GLU A 165 15.22 2.18 -9.04
N GLU A 166 14.80 1.01 -9.52
CA GLU A 166 13.58 0.40 -9.01
C GLU A 166 13.83 -0.05 -7.58
N LEU A 167 12.80 0.05 -6.72
CA LEU A 167 12.92 -0.35 -5.33
C LEU A 167 12.56 -1.83 -5.20
N ALA A 168 13.35 -2.52 -4.42
CA ALA A 168 13.05 -3.89 -4.00
C ALA A 168 12.34 -3.86 -2.65
N VAL A 169 12.49 -2.73 -1.90
CA VAL A 169 11.81 -2.52 -0.63
C VAL A 169 11.04 -1.22 -0.69
N VAL A 170 9.72 -1.31 -0.48
CA VAL A 170 8.87 -0.15 -0.56
C VAL A 170 8.25 0.09 0.80
N HIS A 171 8.39 1.32 1.30
CA HIS A 171 7.87 1.70 2.60
C HIS A 171 6.67 2.60 2.40
N ILE A 172 5.59 2.27 3.12
CA ILE A 172 4.40 3.10 3.10
C ILE A 172 3.93 3.43 4.51
N TYR A 173 3.19 4.55 4.59
CA TYR A 173 2.75 5.15 5.84
C TYR A 173 1.27 5.49 5.67
N PRO A 174 0.38 4.48 5.79
CA PRO A 174 -1.04 4.70 5.54
C PRO A 174 -1.57 5.74 6.51
N LYS A 175 -2.40 6.64 5.98
CA LYS A 175 -2.95 7.71 6.82
C LYS A 175 -4.40 8.00 6.46
N ASN A 176 -5.06 8.73 7.35
CA ASN A 176 -6.45 9.21 7.08
C ASN A 176 -6.38 10.73 7.16
N VAL A 177 -6.18 11.40 6.03
CA VAL A 177 -5.99 12.89 6.03
C VAL A 177 -7.22 13.60 6.61
N VAL A 178 -8.42 13.16 6.25
CA VAL A 178 -9.66 13.86 6.72
C VAL A 178 -9.63 13.86 8.25
N ALA A 179 -9.21 12.74 8.83
CA ALA A 179 -9.15 12.63 10.31
C ALA A 179 -8.06 13.55 10.86
N LEU A 180 -6.97 13.69 10.11
CA LEU A 180 -5.83 14.54 10.55
C LEU A 180 -6.24 16.02 10.50
NA NA B . 4.60 3.29 -8.61
NA NA C . -2.30 6.36 10.18
C1 EDO D . -4.42 9.01 12.18
O1 EDO D . -3.30 8.30 12.67
C2 EDO D . -4.87 8.52 10.87
O2 EDO D . -3.92 8.78 9.86
#